data_3SNO
#
_entry.id   3SNO
#
_cell.length_a   139.899
_cell.length_b   52.586
_cell.length_c   37.350
_cell.angle_alpha   90.000
_cell.angle_beta   98.920
_cell.angle_gamma   90.000
#
_symmetry.space_group_name_H-M   'C 1 2 1'
#
loop_
_entity.id
_entity.type
_entity.pdbx_description
1 polymer 'Hypothetical aminotransferase'
2 non-polymer 1,2-ETHANEDIOL
3 water water
#
_entity_poly.entity_id   1
_entity_poly.type   'polypeptide(L)'
_entity_poly.pdbx_seq_one_letter_code
;G(MSE)ALEPQIKSAPTPVILIVEPYGGSIRQQNPNLP(MSE)VFWDDAALTRGDGIFETLLIRDGHACNVRRHGERFKA
SAALLGLPEPILEDWEKATQ(MSE)GIESWYSHPNAGEASCTWTLSRGRSSTGLASGWLTITPVSSDKLAQREHGVSV
(MSE)TSSRGYSIDTGLPGIGKATRGELSKVERTPAPWLTVGAKTLAYAAN(MSE)AALRYAKSNGFDDVIFTDGDRVLE
GATSTVVSFKGDKIRTPSPGGDILPGTTQAALFAHATEKGWRCKEKDLSIDDLFGADSVWLVSSVRGPVRVTRLDGHKLR
KPDNEKEIKALITKALG
;
_entity_poly.pdbx_strand_id   A
#
loop_
_chem_comp.id
_chem_comp.type
_chem_comp.name
_chem_comp.formula
EDO non-polymer 1,2-ETHANEDIOL 'C2 H6 O2'
#
# COMPACT_ATOMS: atom_id res chain seq x y z
N ALA A 11 6.49 -21.83 6.06
CA ALA A 11 5.41 -21.04 5.48
C ALA A 11 4.36 -20.65 6.55
N PRO A 12 4.24 -19.33 6.88
CA PRO A 12 3.26 -18.92 7.91
C PRO A 12 1.81 -19.14 7.50
N THR A 13 0.91 -19.37 8.48
CA THR A 13 -0.51 -19.59 8.21
C THR A 13 -1.20 -18.20 8.07
N PRO A 14 -1.92 -17.93 6.97
CA PRO A 14 -2.61 -16.63 6.87
C PRO A 14 -3.67 -16.47 7.94
N VAL A 15 -3.91 -15.22 8.35
CA VAL A 15 -4.95 -14.98 9.33
C VAL A 15 -6.08 -14.30 8.58
N ILE A 16 -7.29 -14.85 8.68
CA ILE A 16 -8.44 -14.27 7.97
C ILE A 16 -9.57 -14.00 8.95
N LEU A 17 -10.11 -12.78 8.89
CA LEU A 17 -11.25 -12.41 9.72
CA LEU A 17 -11.25 -12.38 9.72
C LEU A 17 -12.38 -11.88 8.87
N ILE A 18 -13.62 -12.26 9.22
CA ILE A 18 -14.81 -11.77 8.54
C ILE A 18 -15.29 -10.58 9.34
N VAL A 19 -15.55 -9.46 8.66
CA VAL A 19 -16.01 -8.24 9.30
C VAL A 19 -17.42 -7.98 8.82
N GLU A 20 -18.42 -8.29 9.67
CA GLU A 20 -19.81 -8.06 9.27
C GLU A 20 -20.16 -6.56 9.21
N PRO A 21 -20.99 -6.14 8.21
CA PRO A 21 -21.37 -4.73 8.13
C PRO A 21 -22.38 -4.35 9.21
N TYR A 22 -22.68 -3.05 9.34
CA TYR A 22 -23.69 -2.47 10.25
C TYR A 22 -23.48 -2.90 11.72
N GLY A 23 -22.22 -2.94 12.15
CA GLY A 23 -21.86 -3.28 13.53
C GLY A 23 -22.02 -4.74 13.92
N GLY A 24 -22.02 -5.62 12.93
CA GLY A 24 -22.15 -7.06 13.15
C GLY A 24 -20.92 -7.70 13.79
N SER A 25 -20.88 -9.04 13.75
CA SER A 25 -19.82 -9.85 14.36
C SER A 25 -18.50 -9.82 13.58
N ILE A 26 -17.41 -10.06 14.32
CA ILE A 26 -16.07 -10.25 13.78
C ILE A 26 -15.79 -11.71 14.04
N ARG A 27 -15.58 -12.50 12.98
CA ARG A 27 -15.37 -13.95 13.08
CA ARG A 27 -15.38 -13.96 13.07
C ARG A 27 -14.08 -14.39 12.43
N GLN A 28 -13.42 -15.41 13.01
CA GLN A 28 -12.19 -15.96 12.44
C GLN A 28 -12.63 -16.90 11.31
N GLN A 29 -11.90 -16.92 10.20
CA GLN A 29 -12.16 -17.79 9.06
C GLN A 29 -11.01 -18.77 8.93
N ASN A 30 -11.35 -20.06 8.74
CA ASN A 30 -10.31 -21.06 8.50
C ASN A 30 -9.81 -20.86 7.06
N PRO A 31 -8.50 -20.58 6.81
CA PRO A 31 -8.04 -20.36 5.42
C PRO A 31 -8.19 -21.58 4.51
N ASN A 32 -8.31 -22.77 5.11
CA ASN A 32 -8.44 -24.06 4.38
C ASN A 32 -9.90 -24.45 4.09
N LEU A 33 -10.85 -23.59 4.45
CA LEU A 33 -12.28 -23.82 4.15
C LEU A 33 -12.81 -22.71 3.24
N PRO A 34 -13.80 -22.99 2.36
CA PRO A 34 -14.32 -21.93 1.50
C PRO A 34 -15.02 -20.86 2.34
N MSE A 35 -15.11 -19.65 1.81
CA MSE A 35 -15.60 -18.49 2.51
C MSE A 35 -16.67 -17.71 1.76
O MSE A 35 -17.58 -17.17 2.40
CB MSE A 35 -14.39 -17.58 2.76
CG MSE A 35 -14.74 -16.23 3.39
SE MSE A 35 -13.18 -15.07 3.68
CE MSE A 35 -12.87 -14.55 1.85
N VAL A 36 -16.55 -17.60 0.43
CA VAL A 36 -17.45 -16.74 -0.35
C VAL A 36 -18.52 -17.54 -1.08
N PHE A 37 -19.77 -17.04 -1.04
CA PHE A 37 -20.89 -17.71 -1.68
C PHE A 37 -21.02 -17.39 -3.18
N TRP A 38 -21.67 -18.29 -3.94
CA TRP A 38 -21.81 -18.16 -5.39
C TRP A 38 -22.41 -16.82 -5.83
N ASP A 39 -23.34 -16.24 -5.03
CA ASP A 39 -24.04 -15.03 -5.47
C ASP A 39 -23.46 -13.73 -4.90
N ASP A 40 -22.21 -13.77 -4.39
CA ASP A 40 -21.57 -12.58 -3.87
C ASP A 40 -21.17 -11.66 -5.04
N ALA A 41 -21.36 -10.35 -4.88
CA ALA A 41 -20.96 -9.35 -5.85
C ALA A 41 -19.46 -9.52 -6.23
N ALA A 42 -18.64 -10.06 -5.30
CA ALA A 42 -17.21 -10.29 -5.58
C ALA A 42 -16.98 -11.32 -6.72
N LEU A 43 -17.94 -12.19 -6.97
CA LEU A 43 -17.89 -13.25 -7.98
C LEU A 43 -18.74 -13.00 -9.21
N THR A 44 -19.70 -12.09 -9.11
CA THR A 44 -20.67 -11.85 -10.17
C THR A 44 -20.48 -10.50 -10.87
N ARG A 45 -19.25 -9.98 -10.91
CA ARG A 45 -18.88 -8.70 -11.54
C ARG A 45 -19.63 -7.51 -10.89
N GLY A 46 -19.86 -7.62 -9.59
CA GLY A 46 -20.48 -6.56 -8.80
C GLY A 46 -19.46 -5.64 -8.13
N ASP A 47 -19.95 -4.66 -7.38
CA ASP A 47 -19.07 -3.68 -6.75
C ASP A 47 -18.30 -4.25 -5.54
N GLY A 48 -17.00 -3.97 -5.53
CA GLY A 48 -16.08 -4.32 -4.46
C GLY A 48 -14.91 -3.35 -4.38
N ILE A 49 -14.37 -3.16 -3.17
CA ILE A 49 -13.22 -2.28 -2.96
C ILE A 49 -12.20 -3.00 -2.10
N PHE A 50 -10.97 -2.47 -2.07
CA PHE A 50 -9.95 -3.03 -1.21
C PHE A 50 -9.01 -1.93 -0.78
N GLU A 51 -8.34 -2.18 0.34
CA GLU A 51 -7.31 -1.27 0.87
C GLU A 51 -6.23 -2.16 1.48
N THR A 52 -4.95 -1.90 1.16
CA THR A 52 -3.85 -2.73 1.65
C THR A 52 -2.93 -1.91 2.59
N LEU A 53 -2.61 -2.52 3.75
CA LEU A 53 -1.85 -1.88 4.83
C LEU A 53 -0.68 -2.75 5.21
N LEU A 54 0.40 -2.08 5.68
CA LEU A 54 1.55 -2.79 6.24
C LEU A 54 1.33 -3.03 7.73
N ILE A 55 1.73 -4.20 8.19
CA ILE A 55 1.70 -4.61 9.59
CA ILE A 55 1.70 -4.56 9.60
C ILE A 55 3.13 -4.72 10.08
N ARG A 56 3.44 -4.05 11.21
CA ARG A 56 4.78 -4.18 11.76
C ARG A 56 4.70 -3.98 13.26
N ASP A 57 5.45 -4.81 14.02
CA ASP A 57 5.61 -4.66 15.47
CA ASP A 57 5.62 -4.73 15.47
C ASP A 57 4.29 -4.36 16.21
N GLY A 58 3.29 -5.21 16.03
CA GLY A 58 1.99 -5.12 16.69
C GLY A 58 0.99 -4.08 16.26
N HIS A 59 1.18 -3.43 15.11
CA HIS A 59 0.21 -2.44 14.63
C HIS A 59 0.11 -2.37 13.12
N ALA A 60 -1.01 -1.82 12.66
CA ALA A 60 -1.26 -1.49 11.25
C ALA A 60 -0.65 -0.11 11.03
N CYS A 61 0.19 0.06 9.99
CA CYS A 61 0.83 1.34 9.70
C CYS A 61 -0.04 2.31 8.91
N ASN A 62 0.04 3.63 9.27
CA ASN A 62 -0.69 4.70 8.54
C ASN A 62 -2.20 4.36 8.44
N VAL A 63 -2.74 3.75 9.52
CA VAL A 63 -4.11 3.22 9.52
CA VAL A 63 -4.14 3.25 9.56
C VAL A 63 -5.16 4.33 9.29
N ARG A 64 -4.97 5.53 9.90
CA ARG A 64 -5.96 6.59 9.70
C ARG A 64 -6.09 6.95 8.22
N ARG A 65 -4.99 7.15 7.48
CA ARG A 65 -5.07 7.52 6.08
C ARG A 65 -5.65 6.37 5.25
N HIS A 66 -5.29 5.12 5.57
CA HIS A 66 -5.86 3.95 4.86
C HIS A 66 -7.37 3.86 5.11
N GLY A 67 -7.78 4.13 6.35
CA GLY A 67 -9.18 4.16 6.74
C GLY A 67 -10.00 5.17 5.95
N GLU A 68 -9.46 6.41 5.81
CA GLU A 68 -10.07 7.50 5.03
CA GLU A 68 -10.15 7.45 5.05
C GLU A 68 -10.25 7.08 3.57
N ARG A 69 -9.19 6.48 3.00
CA ARG A 69 -9.23 6.08 1.59
C ARG A 69 -10.26 4.96 1.36
N PHE A 70 -10.33 3.99 2.29
CA PHE A 70 -11.28 2.87 2.19
C PHE A 70 -12.71 3.45 2.22
N LYS A 71 -12.98 4.44 3.10
CA LYS A 71 -14.30 5.08 3.16
CA LYS A 71 -14.30 5.11 3.16
C LYS A 71 -14.61 5.80 1.85
N ALA A 72 -13.61 6.51 1.26
CA ALA A 72 -13.78 7.25 -0.01
C ALA A 72 -14.09 6.28 -1.15
N SER A 73 -13.42 5.10 -1.17
CA SER A 73 -13.66 4.07 -2.18
C SER A 73 -15.09 3.54 -2.07
N ALA A 74 -15.56 3.29 -0.83
CA ALA A 74 -16.91 2.80 -0.60
C ALA A 74 -17.96 3.84 -1.04
N ALA A 75 -17.69 5.13 -0.78
CA ALA A 75 -18.63 6.19 -1.17
C ALA A 75 -18.73 6.30 -2.68
N LEU A 76 -17.58 6.16 -3.39
CA LEU A 76 -17.53 6.23 -4.86
C LEU A 76 -18.43 5.16 -5.52
N LEU A 77 -18.42 3.93 -4.98
CA LEU A 77 -19.20 2.82 -5.55
C LEU A 77 -20.59 2.70 -4.95
N GLY A 78 -20.94 3.58 -4.01
CA GLY A 78 -22.25 3.51 -3.39
C GLY A 78 -22.41 2.30 -2.48
N LEU A 79 -21.30 1.86 -1.86
CA LEU A 79 -21.31 0.76 -0.92
C LEU A 79 -21.63 1.30 0.49
N PRO A 80 -22.17 0.46 1.39
CA PRO A 80 -22.44 0.92 2.77
C PRO A 80 -21.17 1.43 3.42
N GLU A 81 -21.27 2.60 4.06
CA GLU A 81 -20.10 3.20 4.68
C GLU A 81 -19.42 2.25 5.70
N PRO A 82 -18.14 1.87 5.50
CA PRO A 82 -17.49 1.00 6.50
C PRO A 82 -17.35 1.69 7.84
N ILE A 83 -17.63 0.95 8.93
CA ILE A 83 -17.48 1.44 10.31
C ILE A 83 -16.02 1.18 10.67
N LEU A 84 -15.19 2.23 10.61
CA LEU A 84 -13.73 2.10 10.76
C LEU A 84 -13.32 1.51 12.10
N GLU A 85 -14.08 1.78 13.18
CA GLU A 85 -13.77 1.21 14.50
C GLU A 85 -13.80 -0.32 14.43
N ASP A 86 -14.77 -0.90 13.68
CA ASP A 86 -14.91 -2.33 13.52
C ASP A 86 -13.79 -2.90 12.67
N TRP A 87 -13.46 -2.23 11.55
CA TRP A 87 -12.35 -2.68 10.69
C TRP A 87 -11.00 -2.63 11.42
N GLU A 88 -10.76 -1.54 12.19
CA GLU A 88 -9.49 -1.35 12.92
C GLU A 88 -9.39 -2.35 14.10
N LYS A 89 -10.51 -2.60 14.79
CA LYS A 89 -10.58 -3.59 15.88
CA LYS A 89 -10.57 -3.58 15.89
C LYS A 89 -10.31 -4.99 15.32
N ALA A 90 -10.95 -5.35 14.18
CA ALA A 90 -10.72 -6.65 13.57
C ALA A 90 -9.26 -6.77 13.12
N THR A 91 -8.71 -5.70 12.55
CA THR A 91 -7.30 -5.72 12.11
C THR A 91 -6.41 -6.01 13.33
N GLN A 92 -6.65 -5.28 14.44
CA GLN A 92 -5.83 -5.47 15.65
C GLN A 92 -5.95 -6.92 16.19
N MSE A 93 -7.17 -7.48 16.18
CA MSE A 93 -7.36 -8.88 16.61
C MSE A 93 -6.52 -9.82 15.72
O MSE A 93 -5.84 -10.72 16.23
CB MSE A 93 -8.84 -9.26 16.54
CG MSE A 93 -9.68 -8.52 17.58
SE MSE A 93 -11.58 -8.76 17.16
CE MSE A 93 -11.60 -10.71 16.91
N GLY A 94 -6.55 -9.57 14.39
CA GLY A 94 -5.78 -10.32 13.41
C GLY A 94 -4.29 -10.21 13.64
N ILE A 95 -3.81 -8.97 13.94
CA ILE A 95 -2.40 -8.71 14.22
C ILE A 95 -1.96 -9.51 15.45
N GLU A 96 -2.79 -9.49 16.51
CA GLU A 96 -2.46 -10.16 17.78
C GLU A 96 -2.38 -11.65 17.56
N SER A 97 -3.29 -12.22 16.71
CA SER A 97 -3.25 -13.64 16.39
CA SER A 97 -3.26 -13.64 16.38
C SER A 97 -1.99 -13.96 15.60
N TRP A 98 -1.65 -13.11 14.58
CA TRP A 98 -0.43 -13.24 13.75
C TRP A 98 0.85 -13.27 14.60
N TYR A 99 1.03 -12.28 15.49
CA TYR A 99 2.25 -12.25 16.30
C TYR A 99 2.23 -13.20 17.52
N SER A 100 1.08 -13.82 17.87
CA SER A 100 1.02 -14.77 19.01
C SER A 100 1.70 -16.10 18.67
N HIS A 101 2.14 -16.22 17.40
CA HIS A 101 2.78 -17.44 16.93
CA HIS A 101 2.76 -17.37 16.73
C HIS A 101 4.28 -17.22 16.64
N PRO A 102 5.11 -18.30 16.80
CA PRO A 102 6.57 -18.11 16.63
N ALA A 104 7.56 -14.65 13.20
CA ALA A 104 6.58 -13.78 12.60
C ALA A 104 7.17 -12.39 12.39
N GLY A 105 7.26 -12.00 11.13
CA GLY A 105 7.79 -10.69 10.76
C GLY A 105 6.70 -9.77 10.26
N GLU A 106 7.07 -8.84 9.38
CA GLU A 106 6.11 -7.89 8.81
C GLU A 106 5.06 -8.61 7.99
N ALA A 107 3.87 -8.02 7.94
CA ALA A 107 2.80 -8.66 7.19
C ALA A 107 2.07 -7.64 6.32
N SER A 108 1.30 -8.15 5.37
CA SER A 108 0.48 -7.38 4.46
C SER A 108 -0.97 -7.65 4.87
N CYS A 109 -1.75 -6.60 5.08
CA CYS A 109 -3.15 -6.76 5.46
C CYS A 109 -4.02 -6.16 4.39
N THR A 110 -4.93 -6.96 3.78
CA THR A 110 -5.83 -6.34 2.79
C THR A 110 -7.23 -6.41 3.34
N TRP A 111 -7.95 -5.28 3.30
CA TRP A 111 -9.38 -5.17 3.66
C TRP A 111 -10.15 -5.29 2.36
N THR A 112 -11.17 -6.15 2.30
CA THR A 112 -11.99 -6.29 1.11
C THR A 112 -13.44 -6.06 1.49
N LEU A 113 -14.15 -5.22 0.74
CA LEU A 113 -15.56 -5.01 0.99
C LEU A 113 -16.29 -5.14 -0.35
N SER A 114 -17.28 -6.02 -0.42
CA SER A 114 -18.09 -6.18 -1.64
C SER A 114 -19.54 -5.78 -1.33
N ARG A 115 -20.37 -5.62 -2.36
CA ARG A 115 -21.81 -5.33 -2.16
C ARG A 115 -22.51 -6.53 -1.49
N GLY A 116 -21.86 -7.69 -1.53
CA GLY A 116 -22.37 -8.88 -0.88
C GLY A 116 -23.24 -9.80 -1.69
N ARG A 117 -23.85 -10.76 -0.99
CA ARG A 117 -24.71 -11.78 -1.62
C ARG A 117 -26.00 -11.13 -2.17
N SER A 118 -26.35 -11.44 -3.43
CA SER A 118 -27.57 -10.86 -3.99
C SER A 118 -28.84 -11.35 -3.23
N SER A 119 -28.80 -12.58 -2.66
CA SER A 119 -29.91 -13.19 -1.93
C SER A 119 -30.12 -12.58 -0.50
N THR A 120 -29.12 -11.88 0.07
CA THR A 120 -29.28 -11.31 1.42
C THR A 120 -29.31 -9.77 1.45
N GLY A 121 -28.67 -9.13 0.47
CA GLY A 121 -28.55 -7.68 0.43
C GLY A 121 -27.58 -7.06 1.44
N LEU A 122 -26.79 -7.89 2.13
CA LEU A 122 -25.83 -7.40 3.12
C LEU A 122 -24.42 -7.46 2.54
N ALA A 123 -23.66 -6.35 2.68
CA ALA A 123 -22.28 -6.29 2.20
C ALA A 123 -21.44 -7.41 2.82
N SER A 124 -20.40 -7.83 2.11
CA SER A 124 -19.44 -8.83 2.59
C SER A 124 -18.15 -8.13 2.89
N GLY A 125 -17.59 -8.41 4.05
CA GLY A 125 -16.32 -7.79 4.39
C GLY A 125 -15.39 -8.79 5.01
N TRP A 126 -14.11 -8.75 4.65
CA TRP A 126 -13.10 -9.60 5.29
C TRP A 126 -11.73 -8.98 5.18
N LEU A 127 -10.80 -9.45 6.01
CA LEU A 127 -9.42 -9.00 5.92
C LEU A 127 -8.57 -10.23 5.91
N THR A 128 -7.39 -10.10 5.28
CA THR A 128 -6.41 -11.18 5.25
C THR A 128 -5.09 -10.64 5.68
N ILE A 129 -4.34 -11.44 6.46
CA ILE A 129 -3.01 -11.05 6.90
C ILE A 129 -2.07 -12.15 6.46
N THR A 130 -1.11 -11.80 5.62
CA THR A 130 -0.13 -12.73 5.05
C THR A 130 1.27 -12.13 5.18
N PRO A 131 2.35 -12.94 5.06
CA PRO A 131 3.70 -12.37 5.16
C PRO A 131 4.04 -11.48 3.98
N VAL A 132 4.86 -10.45 4.22
CA VAL A 132 5.36 -9.61 3.13
C VAL A 132 6.19 -10.54 2.24
N SER A 133 5.93 -10.53 0.94
CA SER A 133 6.57 -11.46 0.02
C SER A 133 8.09 -11.29 -0.03
N SER A 134 8.82 -12.40 -0.31
CA SER A 134 10.28 -12.36 -0.43
C SER A 134 10.70 -11.46 -1.60
N ASP A 135 9.85 -11.37 -2.67
CA ASP A 135 10.12 -10.49 -3.82
C ASP A 135 10.21 -9.03 -3.34
N LYS A 136 9.26 -8.60 -2.49
CA LYS A 136 9.25 -7.23 -1.96
CA LYS A 136 9.22 -7.24 -1.93
C LYS A 136 10.44 -6.99 -1.03
N LEU A 137 10.77 -7.95 -0.14
CA LEU A 137 11.91 -7.75 0.75
C LEU A 137 13.24 -7.64 0.03
N ALA A 138 13.40 -8.42 -1.06
CA ALA A 138 14.62 -8.42 -1.88
C ALA A 138 14.76 -7.09 -2.63
N GLN A 139 13.63 -6.56 -3.17
CA GLN A 139 13.57 -5.29 -3.90
C GLN A 139 13.87 -4.11 -2.99
N ARG A 140 13.49 -4.21 -1.68
CA ARG A 140 13.84 -3.20 -0.68
C ARG A 140 15.38 -3.05 -0.61
N GLU A 141 16.07 -4.20 -0.66
CA GLU A 141 17.53 -4.27 -0.58
C GLU A 141 18.20 -4.04 -1.96
N HIS A 142 17.61 -4.51 -3.08
CA HIS A 142 18.31 -4.47 -4.38
C HIS A 142 17.71 -3.55 -5.51
N GLY A 143 16.43 -3.18 -5.46
CA GLY A 143 15.87 -2.24 -6.44
C GLY A 143 14.91 -2.80 -7.47
N VAL A 144 14.43 -1.94 -8.40
CA VAL A 144 13.49 -2.33 -9.45
C VAL A 144 13.92 -1.82 -10.84
N SER A 145 13.71 -2.64 -11.88
CA SER A 145 13.96 -2.26 -13.27
C SER A 145 12.61 -1.80 -13.84
N VAL A 146 12.55 -0.53 -14.27
CA VAL A 146 11.28 0.07 -14.66
C VAL A 146 11.16 0.28 -16.18
N MSE A 147 9.90 0.16 -16.63
CA MSE A 147 9.47 0.32 -18.01
CA MSE A 147 9.46 0.31 -18.01
C MSE A 147 8.55 1.53 -18.11
O MSE A 147 7.64 1.68 -17.27
CB MSE A 147 8.76 -0.95 -18.54
CB MSE A 147 8.76 -0.98 -18.49
CG MSE A 147 9.61 -2.21 -18.53
CG MSE A 147 8.14 -0.91 -19.88
SE MSE A 147 10.36 -2.72 -20.26
SE MSE A 147 6.87 -2.38 -20.19
CE MSE A 147 8.71 -2.89 -21.29
CE MSE A 147 8.15 -3.79 -20.60
N THR A 148 8.79 2.37 -19.10
CA THR A 148 8.02 3.55 -19.39
C THR A 148 6.95 3.09 -20.38
N SER A 149 5.68 3.50 -20.17
CA SER A 149 4.58 3.14 -21.07
CA SER A 149 4.59 3.14 -21.08
C SER A 149 3.49 4.19 -21.05
N SER A 150 2.77 4.35 -22.18
CA SER A 150 1.67 5.32 -22.28
C SER A 150 0.51 4.88 -21.36
N ARG A 151 -0.30 5.86 -20.90
CA ARG A 151 -1.43 5.72 -19.95
C ARG A 151 -2.28 4.47 -20.18
N PHE A 205 12.24 -5.48 -14.31
CA PHE A 205 12.37 -6.34 -13.12
C PHE A 205 12.03 -5.53 -11.82
N ASP A 206 10.73 -5.20 -11.54
CA ASP A 206 9.56 -5.53 -12.38
C ASP A 206 8.39 -4.60 -12.12
N ASP A 207 8.42 -3.40 -12.75
CA ASP A 207 7.37 -2.40 -12.57
C ASP A 207 7.16 -1.52 -13.83
N VAL A 208 6.11 -0.68 -13.81
CA VAL A 208 5.78 0.21 -14.92
C VAL A 208 5.56 1.62 -14.38
N ILE A 209 6.23 2.61 -15.01
CA ILE A 209 6.06 4.03 -14.76
C ILE A 209 5.31 4.54 -15.98
N PHE A 210 4.06 4.97 -15.80
CA PHE A 210 3.25 5.51 -16.89
C PHE A 210 3.77 6.90 -17.25
N THR A 211 3.72 7.21 -18.55
CA THR A 211 4.16 8.47 -19.14
C THR A 211 3.15 8.98 -20.16
N ASP A 212 3.31 10.26 -20.51
CA ASP A 212 2.58 10.96 -21.56
C ASP A 212 3.69 11.71 -22.30
N GLY A 213 4.38 10.97 -23.16
CA GLY A 213 5.54 11.44 -23.89
C GLY A 213 6.73 11.55 -22.94
N ASP A 214 7.12 12.78 -22.62
CA ASP A 214 8.22 13.10 -21.70
C ASP A 214 7.72 13.23 -20.26
N ARG A 215 6.39 13.39 -20.04
CA ARG A 215 5.80 13.58 -18.71
C ARG A 215 5.73 12.24 -17.93
N VAL A 216 6.03 12.28 -16.63
CA VAL A 216 6.00 11.12 -15.72
C VAL A 216 4.62 11.08 -15.04
N LEU A 217 3.95 9.92 -15.01
CA LEU A 217 2.63 9.81 -14.35
C LEU A 217 2.75 9.12 -12.98
N GLU A 218 2.78 7.78 -12.91
CA GLU A 218 2.88 7.02 -11.66
C GLU A 218 3.39 5.61 -11.90
N GLY A 219 3.82 4.94 -10.83
CA GLY A 219 4.25 3.55 -10.86
C GLY A 219 3.06 2.63 -11.12
N ALA A 220 3.32 1.36 -11.46
CA ALA A 220 2.26 0.38 -11.76
C ALA A 220 1.31 0.22 -10.58
N THR A 221 1.88 0.15 -9.35
CA THR A 221 1.18 0.02 -8.07
C THR A 221 1.91 0.84 -7.01
N SER A 222 2.55 1.96 -7.43
CA SER A 222 3.36 2.77 -6.51
C SER A 222 3.47 4.24 -6.96
N THR A 223 4.09 5.07 -6.09
CA THR A 223 4.33 6.50 -6.31
C THR A 223 5.79 6.72 -6.67
N VAL A 224 6.05 7.50 -7.74
CA VAL A 224 7.42 7.86 -8.13
C VAL A 224 7.85 9.03 -7.22
N VAL A 225 9.04 8.93 -6.63
CA VAL A 225 9.58 9.99 -5.75
C VAL A 225 10.99 10.27 -6.19
N SER A 226 11.27 11.55 -6.47
CA SER A 226 12.63 11.91 -6.84
C SER A 226 13.21 12.78 -5.75
N PHE A 227 14.52 12.68 -5.57
CA PHE A 227 15.30 13.46 -4.61
C PHE A 227 16.41 14.19 -5.34
N LYS A 228 16.63 15.46 -4.97
CA LYS A 228 17.67 16.34 -5.49
CA LYS A 228 17.71 16.32 -5.48
C LYS A 228 18.01 17.34 -4.40
N GLY A 229 19.13 17.13 -3.72
CA GLY A 229 19.54 17.96 -2.60
C GLY A 229 18.53 17.70 -1.48
N ASP A 230 17.94 18.77 -0.93
CA ASP A 230 16.93 18.64 0.11
C ASP A 230 15.51 18.65 -0.50
N LYS A 231 15.40 18.58 -1.86
CA LYS A 231 14.10 18.63 -2.53
C LYS A 231 13.52 17.26 -2.87
N ILE A 232 12.27 17.03 -2.46
CA ILE A 232 11.53 15.79 -2.74
C ILE A 232 10.46 16.16 -3.71
N ARG A 233 10.35 15.43 -4.83
CA ARG A 233 9.35 15.76 -5.82
C ARG A 233 8.59 14.52 -6.25
N THR A 234 7.29 14.67 -6.49
CA THR A 234 6.40 13.59 -6.95
CA THR A 234 6.42 13.59 -6.95
C THR A 234 5.59 14.11 -8.14
N PRO A 235 5.14 13.24 -9.07
CA PRO A 235 4.31 13.75 -10.16
C PRO A 235 2.96 14.27 -9.67
N SER A 236 2.40 15.26 -10.39
CA SER A 236 1.09 15.83 -10.08
C SER A 236 -0.02 14.84 -10.53
N PRO A 237 -0.90 14.34 -9.63
CA PRO A 237 -1.92 13.38 -10.08
C PRO A 237 -3.20 14.08 -10.56
N GLY A 244 -2.55 10.40 -2.68
CA GLY A 244 -2.52 9.02 -2.18
C GLY A 244 -2.06 8.92 -0.75
N THR A 245 -2.21 7.71 -0.12
CA THR A 245 -1.78 7.56 1.28
C THR A 245 -0.25 7.65 1.44
N THR A 246 0.51 7.19 0.44
CA THR A 246 1.99 7.21 0.45
C THR A 246 2.52 8.66 0.43
N GLN A 247 2.16 9.46 -0.60
CA GLN A 247 2.62 10.83 -0.72
C GLN A 247 2.28 11.66 0.53
N ALA A 248 1.03 11.57 1.04
CA ALA A 248 0.65 12.34 2.22
C ALA A 248 1.51 11.98 3.47
N ALA A 249 1.73 10.68 3.74
CA ALA A 249 2.53 10.24 4.89
C ALA A 249 4.00 10.65 4.70
N LEU A 250 4.54 10.48 3.47
CA LEU A 250 5.93 10.87 3.18
C LEU A 250 6.13 12.39 3.30
N PHE A 251 5.24 13.18 2.70
CA PHE A 251 5.39 14.62 2.77
C PHE A 251 5.19 15.15 4.20
N ALA A 252 4.27 14.55 4.98
CA ALA A 252 4.06 15.04 6.35
C ALA A 252 5.29 14.79 7.22
N HIS A 253 5.83 13.56 7.17
CA HIS A 253 7.00 13.21 7.96
C HIS A 253 8.29 13.89 7.45
N ALA A 254 8.52 13.89 6.12
CA ALA A 254 9.74 14.50 5.53
C ALA A 254 9.81 16.02 5.76
N THR A 255 8.65 16.71 5.70
CA THR A 255 8.61 18.16 5.96
C THR A 255 9.04 18.44 7.41
N GLU A 256 8.61 17.59 8.38
CA GLU A 256 8.97 17.78 9.78
CA GLU A 256 8.94 17.73 9.79
C GLU A 256 10.47 17.65 9.99
N LYS A 257 11.15 16.88 9.12
CA LYS A 257 12.60 16.62 9.14
C LYS A 257 13.41 17.58 8.26
N GLY A 258 12.75 18.61 7.74
CA GLY A 258 13.41 19.68 6.97
C GLY A 258 13.48 19.52 5.46
N TRP A 259 12.90 18.42 4.93
CA TRP A 259 12.87 18.19 3.50
C TRP A 259 11.87 19.13 2.83
N ARG A 260 12.13 19.54 1.58
CA ARG A 260 11.33 20.52 0.86
C ARG A 260 10.53 19.74 -0.21
N CYS A 261 9.25 19.48 0.09
CA CYS A 261 8.36 18.59 -0.68
C CYS A 261 7.37 19.32 -1.55
N LYS A 262 7.15 18.81 -2.77
CA LYS A 262 6.19 19.39 -3.70
C LYS A 262 5.84 18.42 -4.81
N GLU A 263 4.61 18.51 -5.32
CA GLU A 263 4.20 17.81 -6.52
C GLU A 263 4.70 18.63 -7.69
N LYS A 264 5.12 17.99 -8.78
CA LYS A 264 5.67 18.71 -9.94
C LYS A 264 5.38 17.98 -11.24
N ASP A 265 5.28 18.71 -12.37
CA ASP A 265 5.13 18.08 -13.68
C ASP A 265 6.51 17.55 -14.04
N LEU A 266 6.84 16.36 -13.52
CA LEU A 266 8.13 15.70 -13.68
C LEU A 266 8.29 15.17 -15.08
N SER A 267 9.51 15.22 -15.56
CA SER A 267 9.87 14.69 -16.86
C SER A 267 10.86 13.56 -16.68
N ILE A 268 11.10 12.78 -17.74
CA ILE A 268 12.08 11.70 -17.74
C ILE A 268 13.46 12.32 -17.47
N ASP A 269 13.76 13.51 -18.06
CA ASP A 269 15.01 14.25 -17.83
C ASP A 269 15.19 14.58 -16.35
N ASP A 270 14.10 15.00 -15.64
CA ASP A 270 14.13 15.29 -14.21
C ASP A 270 14.56 14.04 -13.44
N LEU A 271 14.04 12.86 -13.83
CA LEU A 271 14.41 11.59 -13.22
C LEU A 271 15.89 11.28 -13.48
N PHE A 272 16.40 11.46 -14.73
CA PHE A 272 17.81 11.21 -15.03
C PHE A 272 18.74 12.22 -14.34
N GLY A 273 18.26 13.44 -14.11
CA GLY A 273 19.02 14.49 -13.43
C GLY A 273 18.95 14.48 -11.92
N ALA A 274 18.06 13.64 -11.32
CA ALA A 274 17.91 13.59 -9.87
C ALA A 274 19.04 12.86 -9.16
N ASP A 275 19.22 13.13 -7.84
CA ASP A 275 20.19 12.44 -6.99
C ASP A 275 19.78 10.96 -6.88
N SER A 276 18.46 10.70 -6.74
CA SER A 276 17.88 9.36 -6.70
C SER A 276 16.41 9.36 -7.08
N VAL A 277 15.93 8.21 -7.58
CA VAL A 277 14.55 7.97 -8.02
C VAL A 277 14.10 6.68 -7.33
N TRP A 278 12.90 6.74 -6.76
CA TRP A 278 12.34 5.68 -5.95
C TRP A 278 10.92 5.41 -6.27
N LEU A 279 10.51 4.17 -5.99
CA LEU A 279 9.13 3.76 -6.07
CA LEU A 279 9.13 3.73 -6.07
C LEU A 279 8.71 3.49 -4.64
N VAL A 280 7.59 4.07 -4.22
CA VAL A 280 7.18 3.95 -2.82
C VAL A 280 5.73 3.49 -2.73
N SER A 281 5.47 2.50 -1.88
CA SER A 281 4.12 1.97 -1.68
C SER A 281 3.98 1.50 -0.23
N SER A 282 2.72 1.29 0.25
CA SER A 282 2.49 0.95 1.65
C SER A 282 3.25 -0.25 2.17
N VAL A 283 3.21 -1.38 1.46
CA VAL A 283 3.80 -2.62 1.96
C VAL A 283 5.22 -2.80 1.50
N ARG A 284 5.51 -2.73 0.17
CA ARG A 284 6.88 -2.88 -0.31
CA ARG A 284 6.88 -2.88 -0.30
C ARG A 284 7.77 -1.80 0.31
N GLY A 285 7.21 -0.61 0.50
CA GLY A 285 7.96 0.50 1.09
C GLY A 285 8.86 1.14 0.04
N PRO A 286 9.96 1.77 0.45
CA PRO A 286 10.81 2.44 -0.55
C PRO A 286 11.74 1.49 -1.30
N VAL A 287 11.70 1.54 -2.63
CA VAL A 287 12.62 0.77 -3.48
C VAL A 287 13.29 1.75 -4.46
N ARG A 288 14.59 1.63 -4.60
CA ARG A 288 15.41 2.44 -5.50
C ARG A 288 15.16 2.05 -6.96
N VAL A 289 15.15 3.03 -7.85
CA VAL A 289 14.99 2.76 -9.29
C VAL A 289 16.39 2.75 -9.86
N THR A 290 16.93 1.54 -10.16
CA THR A 290 18.28 1.41 -10.72
C THR A 290 18.24 1.45 -12.25
N ARG A 291 17.05 1.24 -12.87
CA ARG A 291 16.91 1.18 -14.32
C ARG A 291 15.53 1.66 -14.77
N LEU A 292 15.54 2.51 -15.81
CA LEU A 292 14.38 3.08 -16.49
C LEU A 292 14.65 2.91 -17.98
N ASP A 293 14.21 1.75 -18.52
CA ASP A 293 14.43 1.30 -19.91
C ASP A 293 15.94 1.01 -20.18
N GLY A 294 16.81 1.54 -19.30
CA GLY A 294 18.27 1.38 -19.33
C GLY A 294 19.00 2.37 -18.43
N HIS A 295 20.36 2.28 -18.44
CA HIS A 295 21.37 3.09 -17.76
C HIS A 295 21.33 3.10 -16.22
N LYS A 296 22.52 2.99 -15.59
CA LYS A 296 22.71 3.04 -14.14
C LYS A 296 22.37 4.44 -13.61
N LEU A 297 21.36 4.51 -12.72
CA LEU A 297 20.80 5.72 -12.13
C LEU A 297 21.59 6.21 -10.89
N ARG A 298 22.93 6.11 -10.95
CA ARG A 298 23.89 6.53 -9.91
C ARG A 298 23.62 5.86 -8.54
N LYS A 299 24.14 6.46 -7.44
CA LYS A 299 24.01 5.98 -6.06
C LYS A 299 24.30 7.15 -5.12
N PRO A 300 23.33 7.61 -4.31
CA PRO A 300 23.60 8.79 -3.47
C PRO A 300 24.32 8.48 -2.17
N ASP A 301 25.07 9.47 -1.65
CA ASP A 301 25.77 9.34 -0.36
C ASP A 301 24.77 9.23 0.82
N ASN A 302 23.52 9.73 0.62
CA ASN A 302 22.47 9.76 1.63
C ASN A 302 21.43 8.62 1.44
N GLU A 303 21.75 7.57 0.63
CA GLU A 303 20.88 6.44 0.34
C GLU A 303 20.32 5.77 1.62
N LYS A 304 21.20 5.50 2.62
CA LYS A 304 20.83 4.90 3.90
C LYS A 304 19.81 5.79 4.61
N GLU A 305 20.09 7.10 4.70
CA GLU A 305 19.24 8.11 5.31
C GLU A 305 17.87 8.15 4.62
N ILE A 306 17.82 8.09 3.27
CA ILE A 306 16.57 8.18 2.50
C ILE A 306 15.71 6.94 2.78
N LYS A 307 16.34 5.75 2.76
CA LYS A 307 15.67 4.49 3.04
C LYS A 307 15.04 4.53 4.43
N ALA A 308 15.77 5.06 5.43
CA ALA A 308 15.26 5.20 6.80
C ALA A 308 14.14 6.25 6.90
N LEU A 309 14.29 7.36 6.16
CA LEU A 309 13.30 8.45 6.16
C LEU A 309 11.94 7.96 5.67
N ILE A 310 11.94 7.32 4.51
CA ILE A 310 10.70 6.85 3.88
C ILE A 310 10.10 5.71 4.69
N THR A 311 10.94 4.75 5.18
CA THR A 311 10.44 3.62 6.00
C THR A 311 9.74 4.18 7.25
N LYS A 312 10.36 5.18 7.92
CA LYS A 312 9.72 5.76 9.10
C LYS A 312 8.42 6.47 8.72
N ALA A 313 8.42 7.24 7.62
CA ALA A 313 7.23 8.00 7.17
C ALA A 313 6.01 7.10 6.97
N LEU A 314 6.26 5.88 6.48
CA LEU A 314 5.19 4.91 6.14
C LEU A 314 4.88 3.94 7.29
N GLY A 315 5.57 4.11 8.41
CA GLY A 315 5.43 3.26 9.58
C GLY A 315 4.28 3.61 10.49
C1 EDO B . 16.66 17.76 4.88
O1 EDO B . 16.58 18.25 6.23
C2 EDO B . 18.10 17.39 4.60
O2 EDO B . 18.77 18.53 4.07
C1 EDO C . -8.42 -0.89 17.31
O1 EDO C . -8.31 -2.10 18.04
C2 EDO C . -7.08 -0.17 17.34
O2 EDO C . -6.05 -1.02 16.86
C1 EDO D . -17.79 -13.69 2.39
O1 EDO D . -18.90 -14.57 2.63
C2 EDO D . -17.40 -12.99 3.69
O2 EDO D . -18.57 -12.43 4.28
#